data_7G1Y
#
_entry.id   7G1Y
#
_cell.length_a   32.271
_cell.length_b   53.862
_cell.length_c   75.311
_cell.angle_alpha   90.000
_cell.angle_beta   90.000
_cell.angle_gamma   90.000
#
_symmetry.space_group_name_H-M   'P 21 21 21'
#
loop_
_entity.id
_entity.type
_entity.pdbx_description
1 polymer 'Fatty acid-binding protein, adipocyte'
2 non-polymer '2-{[(3-methoxyphenyl)sulfanyl]methyl}-1,3-thiazole-4-carboxylic acid'
3 non-polymer 'SULFATE ION'
4 non-polymer 'FORMIC ACID'
5 water water
#
_entity_poly.entity_id   1
_entity_poly.type   'polypeptide(L)'
_entity_poly.pdbx_seq_one_letter_code
;GSHMCDAFVGTWKLVSSENFDDYMKEVGVGFATRKVAGMAKPNMIISVNGDVITIKSESTFKNTEISFILGQEFDEVTAD
DRKVKSTITLDGGVLVHVQKWDGKSTTIKRKREDDKLVVECVMKGVTSTRVYERA
;
_entity_poly.pdbx_strand_id   A
#
loop_
_chem_comp.id
_chem_comp.type
_chem_comp.name
_chem_comp.formula
FMT non-polymer 'FORMIC ACID' 'C H2 O2'
SO4 non-polymer 'SULFATE ION' 'O4 S -2'
WQC non-polymer '2-{[(3-methoxyphenyl)sulfanyl]methyl}-1,3-thiazole-4-carboxylic acid' 'C12 H11 N O3 S2'
#
# COMPACT_ATOMS: atom_id res chain seq x y z
N HIS A 3 -10.31 11.12 -15.32
CA HIS A 3 -8.91 10.83 -15.79
C HIS A 3 -7.96 10.97 -14.64
N MET A 4 -8.68 11.17 -13.52
CA MET A 4 -8.18 10.82 -12.25
C MET A 4 -7.75 9.31 -12.22
N CYS A 5 -6.50 9.40 -12.06
CA CYS A 5 -5.53 8.36 -11.77
C CYS A 5 -5.16 7.59 -13.02
N ASP A 6 -5.29 8.13 -14.22
CA ASP A 6 -5.11 7.29 -15.42
C ASP A 6 -3.85 6.53 -15.46
N ALA A 7 -2.76 7.16 -15.08
CA ALA A 7 -1.40 6.53 -15.21
C ALA A 7 -1.16 5.46 -14.14
N PHE A 8 -2.03 5.39 -13.09
CA PHE A 8 -1.94 4.32 -12.07
C PHE A 8 -2.74 3.09 -12.47
N VAL A 9 -3.76 3.23 -13.33
CA VAL A 9 -4.66 2.12 -13.58
CA VAL A 9 -4.68 2.11 -13.53
C VAL A 9 -3.92 1.01 -14.26
N GLY A 10 -4.24 -0.23 -13.87
CA GLY A 10 -3.66 -1.38 -14.48
C GLY A 10 -3.30 -2.45 -13.47
N THR A 11 -2.54 -3.44 -13.93
CA THR A 11 -2.10 -4.55 -13.12
C THR A 11 -0.60 -4.47 -13.02
N TRP A 12 -0.10 -4.54 -11.81
CA TRP A 12 1.29 -4.29 -11.49
C TRP A 12 1.80 -5.49 -10.66
N LYS A 13 3.06 -5.83 -10.84
CA LYS A 13 3.69 -6.91 -10.13
C LYS A 13 4.91 -6.42 -9.35
N LEU A 14 5.05 -6.85 -8.07
CA LEU A 14 6.20 -6.45 -7.28
C LEU A 14 7.49 -7.03 -7.85
N VAL A 15 8.51 -6.18 -8.08
CA VAL A 15 9.77 -6.64 -8.52
C VAL A 15 10.92 -6.41 -7.57
N SER A 16 10.85 -5.43 -6.68
CA SER A 16 11.93 -5.26 -5.70
C SER A 16 11.37 -4.63 -4.44
N SER A 17 12.03 -4.88 -3.34
CA SER A 17 11.70 -4.33 -2.07
C SER A 17 12.97 -4.00 -1.30
N GLU A 18 12.95 -2.94 -0.56
CA GLU A 18 14.04 -2.59 0.32
CA GLU A 18 14.05 -2.59 0.33
C GLU A 18 13.48 -2.16 1.67
N ASN A 19 14.07 -2.66 2.73
CA ASN A 19 13.78 -2.21 4.11
CA ASN A 19 13.80 -2.33 4.12
C ASN A 19 12.38 -2.60 4.58
N PHE A 20 11.68 -3.52 3.91
CA PHE A 20 10.29 -3.81 4.29
C PHE A 20 10.21 -4.53 5.61
N ASP A 21 11.15 -5.41 5.92
CA ASP A 21 11.13 -6.06 7.25
C ASP A 21 11.19 -5.01 8.37
N ASP A 22 12.10 -4.07 8.24
CA ASP A 22 12.23 -3.03 9.27
CA ASP A 22 12.20 -3.06 9.28
C ASP A 22 10.97 -2.16 9.33
N TYR A 23 10.39 -1.80 8.19
CA TYR A 23 9.16 -1.06 8.21
C TYR A 23 8.07 -1.83 8.95
N MET A 24 7.91 -3.10 8.63
CA MET A 24 6.93 -3.93 9.32
C MET A 24 7.21 -3.99 10.84
N LYS A 25 8.48 -4.12 11.23
CA LYS A 25 8.82 -4.09 12.68
C LYS A 25 8.33 -2.81 13.30
N GLU A 26 8.58 -1.68 12.64
CA GLU A 26 8.26 -0.37 13.17
C GLU A 26 6.72 -0.23 13.33
N VAL A 27 5.96 -0.81 12.39
CA VAL A 27 4.55 -0.79 12.49
CA VAL A 27 4.52 -0.80 12.45
C VAL A 27 3.99 -1.72 13.57
N GLY A 28 4.70 -2.71 13.99
CA GLY A 28 4.30 -3.64 15.05
C GLY A 28 4.02 -5.06 14.58
N VAL A 29 4.38 -5.43 13.37
CA VAL A 29 4.12 -6.72 12.85
C VAL A 29 5.02 -7.77 13.56
N GLY A 30 4.43 -8.88 13.97
CA GLY A 30 5.19 -9.94 14.62
C GLY A 30 6.04 -10.76 13.68
N PHE A 31 6.92 -11.59 14.28
CA PHE A 31 7.93 -12.31 13.54
C PHE A 31 7.33 -13.14 12.42
N ALA A 32 6.39 -14.03 12.74
CA ALA A 32 5.94 -14.99 11.72
C ALA A 32 5.27 -14.27 10.55
N THR A 33 4.44 -13.28 10.85
CA THR A 33 3.80 -12.51 9.79
C THR A 33 4.85 -11.81 8.98
N ARG A 34 5.85 -11.19 9.59
CA ARG A 34 6.88 -10.50 8.81
C ARG A 34 7.53 -11.45 7.84
N LYS A 35 7.89 -12.67 8.29
CA LYS A 35 8.61 -13.57 7.42
C LYS A 35 7.75 -13.99 6.23
N VAL A 36 6.51 -14.37 6.47
CA VAL A 36 5.63 -14.83 5.35
C VAL A 36 5.23 -13.66 4.49
N ALA A 37 4.93 -12.52 5.06
CA ALA A 37 4.54 -11.35 4.26
C ALA A 37 5.72 -10.85 3.44
N GLY A 38 6.93 -10.90 3.98
CA GLY A 38 8.09 -10.44 3.25
C GLY A 38 8.41 -11.26 2.02
N MET A 39 8.02 -12.54 1.97
CA MET A 39 8.24 -13.37 0.78
C MET A 39 7.30 -13.02 -0.38
N ALA A 40 6.15 -12.45 -0.08
CA ALA A 40 5.13 -12.30 -1.10
C ALA A 40 5.60 -11.38 -2.22
N LYS A 41 5.10 -11.72 -3.41
CA LYS A 41 5.33 -10.91 -4.62
C LYS A 41 3.94 -10.53 -5.14
N PRO A 42 3.26 -9.60 -4.53
CA PRO A 42 1.88 -9.32 -4.89
C PRO A 42 1.70 -8.73 -6.29
N ASN A 43 0.51 -8.96 -6.80
CA ASN A 43 -0.01 -8.20 -7.93
C ASN A 43 -0.96 -7.13 -7.35
N MET A 44 -0.72 -5.88 -7.71
CA MET A 44 -1.53 -4.73 -7.31
C MET A 44 -2.38 -4.36 -8.55
N ILE A 45 -3.70 -4.33 -8.40
CA ILE A 45 -4.61 -4.05 -9.48
CA ILE A 45 -4.64 -4.05 -9.47
C ILE A 45 -5.38 -2.78 -9.12
N ILE A 46 -5.17 -1.73 -9.91
CA ILE A 46 -5.78 -0.42 -9.64
C ILE A 46 -6.78 -0.13 -10.74
N SER A 47 -7.98 0.27 -10.37
CA SER A 47 -9.04 0.60 -11.30
C SER A 47 -9.82 1.78 -10.79
N VAL A 48 -10.51 2.48 -11.72
CA VAL A 48 -11.29 3.63 -11.38
C VAL A 48 -12.66 3.49 -12.09
N ASN A 49 -13.70 3.82 -11.36
CA ASN A 49 -15.07 3.85 -11.94
C ASN A 49 -15.72 5.09 -11.37
N GLY A 50 -15.88 6.10 -12.22
CA GLY A 50 -16.38 7.39 -11.72
C GLY A 50 -15.38 7.98 -10.75
N ASP A 51 -15.86 8.34 -9.55
CA ASP A 51 -15.03 8.88 -8.47
C ASP A 51 -14.45 7.80 -7.57
N VAL A 52 -14.79 6.54 -7.79
CA VAL A 52 -14.37 5.49 -6.90
C VAL A 52 -13.14 4.79 -7.45
N ILE A 53 -12.07 4.81 -6.63
CA ILE A 53 -10.82 4.11 -6.93
C ILE A 53 -10.82 2.79 -6.17
N THR A 54 -10.41 1.71 -6.84
CA THR A 54 -10.26 0.39 -6.18
C THR A 54 -8.79 -0.02 -6.34
N ILE A 55 -8.20 -0.45 -5.21
CA ILE A 55 -6.86 -1.02 -5.21
C ILE A 55 -6.96 -2.41 -4.59
N LYS A 56 -6.64 -3.42 -5.37
CA LYS A 56 -6.58 -4.79 -4.90
C LYS A 56 -5.16 -5.25 -4.87
N SER A 57 -4.82 -6.07 -3.87
CA SER A 57 -3.53 -6.72 -3.80
C SER A 57 -3.80 -8.22 -3.72
N GLU A 58 -3.29 -8.97 -4.64
CA GLU A 58 -3.39 -10.40 -4.60
C GLU A 58 -2.06 -11.06 -4.42
N SER A 59 -1.95 -11.89 -3.40
CA SER A 59 -0.63 -12.59 -3.14
CA SER A 59 -0.71 -12.59 -3.18
C SER A 59 -0.95 -13.87 -2.43
N THR A 60 0.11 -14.69 -2.33
N THR A 60 0.20 -14.51 -2.36
CA THR A 60 0.00 -15.95 -1.53
CA THR A 60 0.33 -15.72 -1.65
C THR A 60 0.08 -15.67 -0.06
C THR A 60 -0.01 -15.57 -0.17
N PHE A 61 0.32 -14.42 0.39
CA PHE A 61 0.16 -14.08 1.81
C PHE A 61 -1.27 -13.71 2.13
N LYS A 62 -1.80 -12.73 1.44
N LYS A 62 -1.79 -12.64 1.56
CA LYS A 62 -3.14 -12.22 1.66
CA LYS A 62 -3.17 -12.16 1.88
C LYS A 62 -3.67 -11.62 0.38
C LYS A 62 -3.65 -11.23 0.85
N ASN A 63 -4.98 -11.62 0.32
N ASN A 63 -4.74 -11.62 0.17
CA ASN A 63 -5.65 -10.84 -0.74
CA ASN A 63 -5.54 -10.75 -0.74
C ASN A 63 -6.34 -9.71 -0.01
C ASN A 63 -6.29 -9.68 -0.01
N THR A 64 -6.15 -8.46 -0.49
CA THR A 64 -6.85 -7.30 0.06
C THR A 64 -7.53 -6.53 -1.04
N GLU A 65 -8.52 -5.73 -0.64
CA GLU A 65 -9.22 -4.85 -1.58
C GLU A 65 -9.70 -3.63 -0.82
N ILE A 66 -9.42 -2.45 -1.31
CA ILE A 66 -9.99 -1.23 -0.80
C ILE A 66 -10.61 -0.46 -1.97
N SER A 67 -11.77 0.18 -1.68
CA SER A 67 -12.40 1.12 -2.60
C SER A 67 -12.64 2.43 -1.81
N PHE A 68 -12.45 3.56 -2.48
CA PHE A 68 -12.48 4.82 -1.78
C PHE A 68 -12.67 5.97 -2.77
N ILE A 69 -13.07 7.11 -2.17
CA ILE A 69 -13.14 8.37 -2.85
C ILE A 69 -12.03 9.25 -2.27
N LEU A 70 -11.28 9.95 -3.11
CA LEU A 70 -10.18 10.79 -2.62
C LEU A 70 -10.68 11.76 -1.57
N GLY A 71 -9.93 11.86 -0.48
CA GLY A 71 -10.22 12.77 0.61
C GLY A 71 -11.26 12.30 1.61
N GLN A 72 -11.86 11.14 1.42
CA GLN A 72 -12.98 10.66 2.23
C GLN A 72 -12.53 9.44 3.05
N GLU A 73 -12.47 9.60 4.34
CA GLU A 73 -11.95 8.57 5.27
C GLU A 73 -12.77 7.30 5.16
N PHE A 74 -12.09 6.18 5.37
CA PHE A 74 -12.74 4.87 5.35
C PHE A 74 -12.06 3.94 6.33
N ASP A 75 -12.77 2.88 6.72
CA ASP A 75 -12.18 1.92 7.63
CA ASP A 75 -12.21 1.69 7.45
C ASP A 75 -11.47 0.81 6.63
N GLU A 76 -10.33 0.35 7.14
CA GLU A 76 -9.53 -0.62 6.42
C GLU A 76 -8.99 -1.68 7.42
N VAL A 77 -8.99 -2.92 7.02
CA VAL A 77 -8.28 -3.97 7.74
C VAL A 77 -7.06 -4.30 6.89
N THR A 78 -5.88 -4.00 7.39
CA THR A 78 -4.66 -4.15 6.63
C THR A 78 -4.29 -5.59 6.53
N ALA A 79 -3.33 -5.86 5.65
CA ALA A 79 -2.91 -7.28 5.43
C ALA A 79 -2.34 -7.92 6.70
N ASP A 80 -1.69 -7.12 7.53
CA ASP A 80 -1.17 -7.51 8.89
C ASP A 80 -2.20 -7.39 10.00
N ASP A 81 -3.47 -7.25 9.59
CA ASP A 81 -4.61 -7.25 10.56
CA ASP A 81 -4.64 -7.24 10.54
C ASP A 81 -4.72 -6.06 11.54
N ARG A 82 -4.22 -4.91 11.15
CA ARG A 82 -4.52 -3.71 11.87
C ARG A 82 -5.88 -3.20 11.40
N LYS A 83 -6.63 -2.62 12.36
CA LYS A 83 -7.92 -1.99 12.09
CA LYS A 83 -7.90 -2.00 12.01
C LYS A 83 -7.64 -0.50 12.06
N VAL A 84 -7.60 0.12 10.87
CA VAL A 84 -7.13 1.50 10.77
C VAL A 84 -8.20 2.39 10.12
N LYS A 85 -8.07 3.68 10.34
CA LYS A 85 -8.86 4.66 9.60
CA LYS A 85 -8.84 4.72 9.65
C LYS A 85 -7.94 5.31 8.56
N SER A 86 -8.32 5.19 7.32
CA SER A 86 -7.49 5.56 6.17
C SER A 86 -8.10 6.70 5.43
N THR A 87 -7.21 7.58 4.90
CA THR A 87 -7.61 8.62 3.97
C THR A 87 -6.59 8.64 2.86
N ILE A 88 -7.05 8.65 1.61
CA ILE A 88 -6.17 8.67 0.44
C ILE A 88 -6.48 9.94 -0.35
N THR A 89 -5.44 10.68 -0.67
CA THR A 89 -5.53 11.91 -1.42
C THR A 89 -4.52 11.89 -2.56
N LEU A 90 -4.75 12.75 -3.53
CA LEU A 90 -3.72 13.02 -4.57
CA LEU A 90 -3.68 13.02 -4.58
C LEU A 90 -2.97 14.33 -4.27
N ASP A 91 -1.68 14.30 -4.17
CA ASP A 91 -0.87 15.47 -3.83
C ASP A 91 0.15 15.60 -4.91
N GLY A 92 -0.01 16.56 -5.82
CA GLY A 92 0.98 16.65 -6.82
C GLY A 92 1.23 15.39 -7.70
N GLY A 93 0.16 14.72 -8.01
CA GLY A 93 0.21 13.49 -8.79
C GLY A 93 0.67 12.21 -8.05
N VAL A 94 0.86 12.30 -6.75
CA VAL A 94 1.25 11.18 -5.86
C VAL A 94 0.01 10.79 -5.06
N LEU A 95 -0.30 9.50 -5.05
CA LEU A 95 -1.39 9.00 -4.16
CA LEU A 95 -1.38 9.02 -4.16
C LEU A 95 -0.79 8.87 -2.76
N VAL A 96 -1.37 9.56 -1.79
CA VAL A 96 -0.91 9.58 -0.41
C VAL A 96 -1.95 8.91 0.47
N HIS A 97 -1.57 7.81 1.08
CA HIS A 97 -2.49 6.93 1.88
C HIS A 97 -2.04 6.98 3.31
N VAL A 98 -2.82 7.63 4.17
CA VAL A 98 -2.49 7.77 5.60
C VAL A 98 -3.40 6.82 6.37
N GLN A 99 -2.79 6.03 7.26
CA GLN A 99 -3.48 5.09 8.13
C GLN A 99 -3.27 5.52 9.60
N LYS A 100 -4.37 5.63 10.33
CA LYS A 100 -4.36 6.02 11.74
C LYS A 100 -4.92 4.88 12.56
N TRP A 101 -4.24 4.51 13.66
CA TRP A 101 -4.73 3.50 14.60
C TRP A 101 -3.98 3.63 15.88
N ASP A 102 -4.69 3.44 17.01
CA ASP A 102 -4.04 3.42 18.32
C ASP A 102 -3.07 4.59 18.54
N GLY A 103 -3.43 5.77 18.11
CA GLY A 103 -2.59 6.94 18.26
C GLY A 103 -1.36 7.03 17.36
N LYS A 104 -1.21 6.05 16.46
CA LYS A 104 -0.06 5.90 15.55
C LYS A 104 -0.52 6.29 14.15
N SER A 105 0.48 6.51 13.28
CA SER A 105 0.19 6.89 11.91
C SER A 105 1.30 6.35 11.02
N THR A 106 0.92 5.87 9.83
CA THR A 106 1.87 5.50 8.79
C THR A 106 1.33 6.03 7.46
N THR A 107 2.25 6.36 6.56
CA THR A 107 1.87 6.87 5.25
C THR A 107 2.53 6.03 4.16
N ILE A 108 1.70 5.69 3.17
CA ILE A 108 2.09 4.94 1.98
CA ILE A 108 2.12 4.93 1.98
C ILE A 108 1.91 5.87 0.79
N LYS A 109 2.97 6.16 0.06
CA LYS A 109 2.89 6.98 -1.14
C LYS A 109 3.10 6.11 -2.36
N ARG A 110 2.30 6.34 -3.39
CA ARG A 110 2.40 5.58 -4.66
C ARG A 110 2.59 6.62 -5.76
N LYS A 111 3.63 6.40 -6.57
CA LYS A 111 4.06 7.35 -7.58
C LYS A 111 4.38 6.60 -8.87
N ARG A 112 4.07 7.21 -10.01
CA ARG A 112 4.50 6.70 -11.30
C ARG A 112 5.84 7.31 -11.63
N GLU A 113 6.86 6.48 -11.91
CA GLU A 113 8.23 6.92 -12.22
C GLU A 113 8.69 6.06 -13.40
N ASP A 114 8.89 6.70 -14.54
CA ASP A 114 9.19 5.94 -15.77
C ASP A 114 8.10 4.93 -15.99
N ASP A 115 8.42 3.66 -16.27
CA ASP A 115 7.41 2.65 -16.47
C ASP A 115 7.03 1.90 -15.19
N LYS A 116 7.49 2.39 -14.04
CA LYS A 116 7.28 1.73 -12.75
C LYS A 116 6.24 2.45 -11.92
N LEU A 117 5.73 1.74 -10.94
CA LEU A 117 4.94 2.28 -9.88
C LEU A 117 5.75 2.03 -8.60
N VAL A 118 6.14 3.14 -7.95
CA VAL A 118 7.01 3.09 -6.78
C VAL A 118 6.16 3.37 -5.55
N VAL A 119 6.27 2.47 -4.57
CA VAL A 119 5.55 2.54 -3.31
C VAL A 119 6.56 2.84 -2.19
N GLU A 120 6.35 3.95 -1.48
CA GLU A 120 7.19 4.33 -0.34
C GLU A 120 6.35 4.33 0.91
N CYS A 121 6.76 3.52 1.88
CA CYS A 121 6.03 3.29 3.13
CA CYS A 121 5.96 3.42 3.10
C CYS A 121 6.86 3.87 4.26
N VAL A 122 6.29 4.74 5.09
CA VAL A 122 7.04 5.41 6.14
C VAL A 122 6.34 5.26 7.46
N MET A 123 7.09 4.86 8.49
CA MET A 123 6.59 4.72 9.87
CA MET A 123 6.62 4.78 9.87
C MET A 123 7.75 5.38 10.70
N LYS A 124 7.46 6.52 11.35
CA LYS A 124 8.44 7.22 12.11
C LYS A 124 9.64 7.49 11.16
N GLY A 125 10.80 7.13 11.58
CA GLY A 125 12.05 7.32 10.78
C GLY A 125 12.38 6.23 9.73
N VAL A 126 11.50 5.20 9.65
CA VAL A 126 11.77 4.02 8.84
C VAL A 126 11.00 4.07 7.54
N THR A 127 11.71 4.00 6.41
CA THR A 127 11.11 3.98 5.09
C THR A 127 11.43 2.68 4.40
N SER A 128 10.45 2.17 3.67
CA SER A 128 10.64 1.06 2.75
C SER A 128 10.19 1.46 1.35
N THR A 129 10.94 1.05 0.36
CA THR A 129 10.65 1.32 -1.03
C THR A 129 10.40 0.03 -1.76
N ARG A 130 9.25 -0.07 -2.42
CA ARG A 130 8.82 -1.25 -3.15
C ARG A 130 8.51 -0.84 -4.58
N VAL A 131 9.06 -1.54 -5.54
CA VAL A 131 8.97 -1.16 -6.97
C VAL A 131 8.13 -2.22 -7.66
N TYR A 132 7.12 -1.74 -8.40
CA TYR A 132 6.23 -2.57 -9.21
C TYR A 132 6.41 -2.25 -10.66
N GLU A 133 6.30 -3.26 -11.51
CA GLU A 133 6.35 -3.24 -12.98
CA GLU A 133 6.21 -2.94 -12.96
C GLU A 133 4.97 -3.60 -13.53
N ARG A 134 4.62 -3.20 -14.77
CA ARG A 134 3.39 -3.68 -15.38
C ARG A 134 3.45 -5.17 -15.51
N ALA A 135 2.32 -5.81 -15.22
CA ALA A 135 2.20 -7.27 -15.25
C ALA A 135 2.04 -7.73 -16.68
C01 WQC B . 3.42 -1.50 1.25
C01 WQC B . 3.17 -1.66 1.53
C02 WQC B . 2.50 -2.20 0.39
C02 WQC B . 2.04 -1.89 0.70
N03 WQC B . 1.30 -2.47 1.27
N03 WQC B . 0.75 -1.98 1.67
C04 WQC B . 1.50 -1.98 2.59
C04 WQC B . 1.22 -1.83 3.07
C06 WQC B . 0.48 -2.21 3.69
C06 WQC B . 0.39 -1.90 4.38
C10 WQC B . 1.38 -5.10 3.40
C10 WQC B . 1.50 -4.92 4.33
C11 WQC B . 1.70 -6.42 3.09
C11 WQC B . 1.85 -6.23 4.06
C13 WQC B . 2.08 -6.96 5.42
C13 WQC B . 2.56 -6.44 6.40
C18 WQC B . 1.58 -5.79 0.79
C18 WQC B . 1.97 -5.94 1.63
S05 WQC B . 2.84 -1.22 2.72
S05 WQC B . 2.78 -1.59 3.03
S07 WQC B . 1.08 -3.11 5.20
S07 WQC B . 1.21 -2.71 5.82
C08 WQC B . 1.41 -4.74 4.74
C08 WQC B . 1.62 -4.42 5.62
C09 WQC B . 2.64 -2.62 -1.03
C09 WQC B . 2.28 -1.95 -0.80
C12 WQC B . 2.06 -7.35 4.08
C12 WQC B . 2.39 -7.00 5.11
C14 WQC B . 1.80 -5.62 5.70
C14 WQC B . 2.26 -5.12 6.61
O15 WQC B . 1.69 -2.71 -1.83
O15 WQC B . 1.49 -1.35 -1.55
O16 WQC B . 3.72 -2.97 -1.51
O16 WQC B . 3.27 -2.53 -1.38
O17 WQC B . 1.66 -6.82 1.75
O17 WQC B . 1.73 -6.76 2.74
H19 WQC B . 4.25 -1.13 0.92
H19 WQC B . 4.08 -1.53 1.20
H21 WQC B . -0.27 -2.71 3.31
H21 WQC B . -0.42 -2.39 4.18
H20 WQC B . 0.14 -1.34 3.97
H20 WQC B . 0.13 -0.99 4.62
H22 WQC B . 1.15 -4.46 2.71
H22 WQC B . 1.14 -4.36 3.63
H24 WQC B . 2.34 -7.59 6.12
H24 WQC B . 2.93 -6.98 7.11
H28 WQC B . 1.65 -6.17 -0.11
H28 WQC B . 2.13 -6.50 0.84
H29 WQC B . 2.31 -5.16 0.94
H29 WQC B . 2.75 -5.38 1.79
H27 WQC B . 0.72 -5.33 0.87
H27 WQC B . 1.19 -5.37 1.46
H23 WQC B . 2.26 -8.27 3.84
H23 WQC B . 2.65 -7.91 4.93
H25 WQC B . 1.81 -5.33 6.63
H25 WQC B . 2.31 -4.76 7.50
S SO4 C . 2.40 3.94 -19.67
O1 SO4 C . 2.31 4.55 -21.10
O2 SO4 C . 2.06 2.51 -19.76
O3 SO4 C . 3.88 4.12 -19.24
O4 SO4 C . 1.40 4.50 -18.73
C FMT D . 3.35 9.40 9.37
O1 FMT D . 4.42 8.47 8.77
O2 FMT D . 2.02 9.00 8.79
S SO4 E . 12.92 -6.44 2.24
O1 SO4 E . 12.13 -7.48 1.53
O2 SO4 E . 12.49 -5.26 1.74
O3 SO4 E . 14.31 -6.66 1.97
O4 SO4 E . 12.75 -6.58 3.72
#